data_8R4N
#
_entry.id   8R4N
#
_cell.length_a   104.623
_cell.length_b   104.623
_cell.length_c   216.427
_cell.angle_alpha   90.00
_cell.angle_beta   90.00
_cell.angle_gamma   90.00
#
_symmetry.space_group_name_H-M   'I 4 2 2'
#
loop_
_entity.id
_entity.type
_entity.pdbx_description
1 polymer 'Eq4.Dp46-3A heavy chain'
2 polymer 'Eq4.Dp46-3A lambda chain'
3 polymer 'Short neurotoxin 1'
4 water water
#
loop_
_entity_poly.entity_id
_entity_poly.type
_entity_poly.pdbx_seq_one_letter_code
_entity_poly.pdbx_strand_id
1 'polypeptide(L)'
;QVQLTESGPGLVKPSQTLSLTCTVSGLSLSRNTAGWVRQAPGKGLEWVGDISGDGIPGGESEYYNPVLKPRVSITKDTSK
SQLYLTLNSLTSEDTAVYYCTGSGDTYYWRDGDRYWGQGILVTVSSASTTAPKVFPLASHSAATSGSTVALGCLVSSYFP
EPVTVSWNSGALTSGVHTFPSVLQSSGLYSLSSMVTVPASSLKSQTYICNVAHPASSTKVDKKIVIKECGLEVLFQ
;
H
2 'polypeptide(L)'
;QSVTQPASVSGTLGQTVTISCSGSKSNIGDTPTYVGWFQQIPGTAPKTLIYGDNRRASGVPDRFSGSVSGNTATLTISGV
QAEDEAVYWCGSWDVNSDSELFGGGTHLTIAGGPTSAPSVSLFPPSSEELSANKATVVCLISDFSPSGLEVIWKVNDAVT
NDRVQTTRPSKQSNGKYAASSYLTRTSTEWKSYSSVSCQVKHQGKTVEKKVSPSECP
;
L
3 'polypeptide(L)' RICYNHQSTTRATTKSCEENSCYKKYWRDHRGTIIERGCGCPKVKPGVGIHCCQSDKCNYGLEVLFQ N
#
# COMPACT_ATOMS: atom_id res chain seq x y z
N GLN A 1 -12.34 16.79 6.23
CA GLN A 1 -12.16 15.74 5.17
C GLN A 1 -11.16 16.20 4.12
N VAL A 2 -9.89 15.89 4.34
CA VAL A 2 -8.85 16.21 3.37
C VAL A 2 -8.91 15.20 2.23
N GLN A 3 -8.84 15.69 0.99
CA GLN A 3 -8.89 14.85 -0.19
C GLN A 3 -7.67 15.14 -1.06
N LEU A 4 -6.93 14.09 -1.40
CA LEU A 4 -5.76 14.19 -2.27
C LEU A 4 -6.00 13.31 -3.49
N THR A 5 -5.96 13.92 -4.67
CA THR A 5 -6.30 13.22 -5.92
C THR A 5 -5.13 13.35 -6.89
N GLU A 6 -4.52 12.22 -7.24
CA GLU A 6 -3.43 12.18 -8.19
C GLU A 6 -3.96 12.10 -9.61
N SER A 7 -3.21 12.69 -10.55
CA SER A 7 -3.55 12.65 -11.97
C SER A 7 -2.26 12.70 -12.78
N GLY A 8 -2.29 12.04 -13.92
CA GLY A 8 -1.14 12.02 -14.81
C GLY A 8 -1.11 10.78 -15.69
N PRO A 9 -0.08 10.68 -16.53
CA PRO A 9 0.00 9.55 -17.45
C PRO A 9 0.28 8.25 -16.72
N GLY A 10 -0.45 7.19 -17.10
CA GLY A 10 -0.22 5.89 -16.52
C GLY A 10 0.87 5.09 -17.18
N LEU A 11 1.29 5.48 -18.38
CA LEU A 11 2.37 4.82 -19.11
C LEU A 11 3.35 5.88 -19.61
N VAL A 12 4.63 5.62 -19.42
CA VAL A 12 5.68 6.54 -19.84
C VAL A 12 6.88 5.72 -20.33
N LYS A 13 7.62 6.29 -21.27
CA LYS A 13 8.73 5.55 -21.86
C LYS A 13 10.03 5.82 -21.08
N PRO A 14 10.99 4.90 -21.11
CA PRO A 14 12.25 5.14 -20.41
C PRO A 14 12.95 6.40 -20.92
N SER A 15 13.72 7.03 -20.04
CA SER A 15 14.52 8.20 -20.37
C SER A 15 13.66 9.46 -20.47
N GLN A 16 12.34 9.30 -20.58
CA GLN A 16 11.43 10.44 -20.56
C GLN A 16 11.29 10.94 -19.12
N THR A 17 10.44 11.94 -18.91
CA THR A 17 10.19 12.50 -17.57
C THR A 17 8.76 12.16 -17.14
N LEU A 18 8.57 11.79 -15.88
CA LEU A 18 7.24 11.50 -15.32
C LEU A 18 6.73 12.79 -14.66
N SER A 19 5.56 13.26 -15.05
CA SER A 19 4.96 14.47 -14.48
C SER A 19 3.60 14.12 -13.86
N LEU A 20 3.45 14.29 -12.56
CA LEU A 20 2.21 13.98 -11.86
C LEU A 20 1.69 15.21 -11.14
N THR A 21 0.37 15.36 -11.12
CA THR A 21 -0.31 16.42 -10.38
C THR A 21 -1.09 15.81 -9.23
N CYS A 22 -1.20 16.56 -8.14
CA CYS A 22 -2.04 16.21 -7.01
C CYS A 22 -2.92 17.40 -6.68
N THR A 23 -4.23 17.22 -6.79
CA THR A 23 -5.18 18.23 -6.38
C THR A 23 -5.53 17.99 -4.92
N VAL A 24 -5.46 19.06 -4.12
CA VAL A 24 -5.61 19.00 -2.68
C VAL A 24 -6.85 19.79 -2.28
N SER A 25 -7.71 19.18 -1.47
CA SER A 25 -8.89 19.83 -0.95
C SER A 25 -8.94 19.66 0.57
N GLY A 26 -9.35 20.72 1.26
CA GLY A 26 -9.49 20.69 2.70
C GLY A 26 -8.20 20.92 3.47
N LEU A 27 -7.10 21.19 2.79
CA LEU A 27 -5.82 21.44 3.44
C LEU A 27 -5.10 22.56 2.69
N SER A 28 -4.70 23.59 3.43
CA SER A 28 -4.03 24.74 2.83
C SER A 28 -2.61 24.38 2.45
N LEU A 29 -2.28 24.49 1.16
CA LEU A 29 -0.94 24.18 0.70
C LEU A 29 0.05 25.31 0.93
N SER A 30 -0.42 26.46 1.39
CA SER A 30 0.45 27.60 1.73
C SER A 30 1.06 27.35 3.11
N ARG A 31 0.30 26.80 4.04
CA ARG A 31 0.75 26.56 5.43
C ARG A 31 1.17 25.11 5.65
N ASN A 32 0.60 24.16 4.94
CA ASN A 32 0.83 22.73 5.22
C ASN A 32 1.79 22.07 4.23
N THR A 33 2.67 21.21 4.72
CA THR A 33 3.60 20.45 3.90
C THR A 33 2.86 19.38 3.10
N ALA A 34 3.38 19.09 1.90
CA ALA A 34 2.80 18.02 1.09
C ALA A 34 3.89 17.41 0.24
N GLY A 35 3.72 16.16 -0.12
CA GLY A 35 4.73 15.46 -0.88
C GLY A 35 4.26 14.20 -1.56
N TRP A 36 5.20 13.29 -1.79
CA TRP A 36 4.96 12.09 -2.57
C TRP A 36 5.71 10.92 -1.94
N VAL A 37 5.01 9.77 -1.90
CA VAL A 37 5.57 8.48 -1.53
C VAL A 37 5.24 7.53 -2.68
N ARG A 38 6.04 6.49 -2.85
CA ARG A 38 5.79 5.55 -3.95
C ARG A 38 5.98 4.12 -3.48
N GLN A 39 5.38 3.21 -4.23
CA GLN A 39 5.37 1.79 -3.89
C GLN A 39 5.41 0.99 -5.17
N ALA A 40 6.54 0.36 -5.46
CA ALA A 40 6.65 -0.45 -6.66
C ALA A 40 5.90 -1.76 -6.48
N PRO A 41 5.46 -2.38 -7.59
CA PRO A 41 4.74 -3.65 -7.49
C PRO A 41 5.43 -4.64 -6.57
N GLY A 42 4.73 -5.07 -5.52
CA GLY A 42 5.27 -6.03 -4.58
C GLY A 42 6.37 -5.52 -3.69
N LYS A 43 6.71 -4.24 -3.77
CA LYS A 43 7.79 -3.67 -2.99
C LYS A 43 7.23 -2.88 -1.81
N GLY A 44 8.12 -2.24 -1.06
CA GLY A 44 7.72 -1.46 0.09
C GLY A 44 7.58 0.02 -0.22
N LEU A 45 7.03 0.75 0.75
CA LEU A 45 6.86 2.19 0.59
C LEU A 45 8.23 2.87 0.52
N GLU A 46 8.37 3.80 -0.42
CA GLU A 46 9.60 4.53 -0.63
C GLU A 46 9.28 6.02 -0.69
N TRP A 47 9.85 6.79 0.25
CA TRP A 47 9.64 8.23 0.27
C TRP A 47 10.23 8.87 -0.98
N VAL A 48 9.43 9.67 -1.67
CA VAL A 48 9.89 10.41 -2.83
C VAL A 48 10.37 11.78 -2.39
N GLY A 49 9.49 12.54 -1.73
CA GLY A 49 9.90 13.86 -1.29
C GLY A 49 8.75 14.67 -0.72
N ASP A 50 9.10 15.89 -0.32
CA ASP A 50 8.14 16.83 0.26
C ASP A 50 8.52 18.25 -0.13
N ILE A 51 7.48 19.08 -0.29
CA ILE A 51 7.61 20.53 -0.35
C ILE A 51 6.98 21.10 0.92
N SER A 52 7.69 22.01 1.56
CA SER A 52 7.34 22.48 2.90
C SER A 52 6.30 23.58 2.84
N GLY A 53 5.44 23.61 3.86
CA GLY A 53 4.50 24.70 4.03
C GLY A 53 5.08 25.83 4.88
N ASP A 54 4.23 26.82 5.13
CA ASP A 54 4.62 28.00 5.91
C ASP A 54 4.60 27.75 7.42
N GLY A 55 4.00 26.66 7.87
CA GLY A 55 3.70 26.52 9.29
C GLY A 55 4.94 26.39 10.16
N ILE A 56 5.86 25.52 9.76
CA ILE A 56 7.01 25.16 10.58
C ILE A 56 8.21 25.98 10.11
N PRO A 57 8.75 26.88 10.93
CA PRO A 57 9.86 27.73 10.49
C PRO A 57 11.20 27.02 10.65
N GLY A 58 12.18 27.53 9.90
CA GLY A 58 13.54 27.04 9.99
C GLY A 58 13.77 25.68 9.37
N GLY A 59 13.59 25.60 8.05
CA GLY A 59 13.84 24.38 7.32
C GLY A 59 14.02 24.68 5.85
N GLU A 60 14.41 23.66 5.10
CA GLU A 60 14.53 23.82 3.66
C GLU A 60 13.14 23.94 3.02
N SER A 61 13.12 24.48 1.80
CA SER A 61 11.87 24.61 1.07
C SER A 61 11.40 23.29 0.48
N GLU A 62 12.32 22.34 0.28
CA GLU A 62 11.97 21.01 -0.19
C GLU A 62 12.96 20.01 0.40
N TYR A 63 12.51 18.76 0.48
CA TYR A 63 13.36 17.64 0.88
C TYR A 63 13.09 16.49 -0.07
N TYR A 64 14.17 15.87 -0.56
CA TYR A 64 14.04 14.77 -1.52
C TYR A 64 14.81 13.56 -1.01
N ASN A 65 14.38 12.38 -1.45
CA ASN A 65 15.12 11.16 -1.18
C ASN A 65 16.50 11.25 -1.83
N PRO A 66 17.59 11.23 -1.05
CA PRO A 66 18.92 11.36 -1.67
C PRO A 66 19.16 10.37 -2.79
N VAL A 67 18.50 9.22 -2.77
CA VAL A 67 18.66 8.23 -3.84
C VAL A 67 18.12 8.76 -5.17
N LEU A 68 17.29 9.79 -5.14
CA LEU A 68 16.67 10.32 -6.35
C LEU A 68 16.92 11.82 -6.56
N LYS A 69 17.56 12.49 -5.60
CA LYS A 69 17.79 13.93 -5.67
C LYS A 69 18.14 14.45 -7.06
N PRO A 70 19.09 13.88 -7.81
CA PRO A 70 19.45 14.46 -9.11
C PRO A 70 18.31 14.46 -10.12
N ARG A 71 17.29 13.63 -9.94
CA ARG A 71 16.24 13.46 -10.94
C ARG A 71 14.90 14.05 -10.54
N VAL A 72 14.68 14.33 -9.26
CA VAL A 72 13.36 14.65 -8.74
C VAL A 72 13.21 16.15 -8.56
N SER A 73 11.98 16.63 -8.76
CA SER A 73 11.62 18.00 -8.44
C SER A 73 10.16 18.03 -8.01
N ILE A 74 9.89 18.65 -6.86
CA ILE A 74 8.52 18.86 -6.40
C ILE A 74 8.25 20.34 -6.32
N THR A 75 7.17 20.78 -6.97
CA THR A 75 6.75 22.18 -6.95
C THR A 75 5.28 22.24 -6.54
N LYS A 76 4.76 23.45 -6.40
CA LYS A 76 3.36 23.59 -6.02
C LYS A 76 2.83 24.94 -6.50
N ASP A 77 1.52 24.99 -6.68
CA ASP A 77 0.79 26.21 -7.02
C ASP A 77 -0.32 26.34 -5.99
N THR A 78 -0.13 27.26 -5.02
CA THR A 78 -1.12 27.41 -3.96
C THR A 78 -2.41 28.02 -4.46
N SER A 79 -2.34 28.81 -5.54
CA SER A 79 -3.55 29.41 -6.10
C SER A 79 -4.49 28.34 -6.65
N LYS A 80 -3.94 27.39 -7.40
CA LYS A 80 -4.72 26.25 -7.87
C LYS A 80 -4.80 25.14 -6.83
N SER A 81 -4.19 25.32 -5.66
CA SER A 81 -4.18 24.31 -4.61
C SER A 81 -3.70 22.97 -5.16
N GLN A 82 -2.56 22.99 -5.85
CA GLN A 82 -2.04 21.80 -6.51
C GLN A 82 -0.57 21.59 -6.18
N LEU A 83 -0.18 20.32 -6.21
CA LEU A 83 1.19 19.88 -6.01
C LEU A 83 1.65 19.16 -7.26
N TYR A 84 2.95 19.24 -7.58
CA TYR A 84 3.45 18.67 -8.81
C TYR A 84 4.76 17.93 -8.56
N LEU A 85 4.86 16.74 -9.15
CA LEU A 85 6.06 15.91 -9.09
C LEU A 85 6.62 15.74 -10.49
N THR A 86 7.93 15.90 -10.63
CA THR A 86 8.66 15.68 -11.87
C THR A 86 9.81 14.73 -11.58
N LEU A 87 9.99 13.73 -12.43
CA LEU A 87 11.02 12.72 -12.25
C LEU A 87 11.66 12.42 -13.60
N ASN A 88 12.94 12.75 -13.73
CA ASN A 88 13.65 12.63 -14.99
C ASN A 88 14.38 11.29 -15.09
N SER A 89 14.93 11.03 -16.28
CA SER A 89 15.77 9.86 -16.54
C SER A 89 15.09 8.59 -16.02
N LEU A 90 13.89 8.33 -16.54
CA LEU A 90 13.07 7.26 -16.01
C LEU A 90 13.64 5.90 -16.36
N THR A 91 13.53 4.97 -15.41
CA THR A 91 13.90 3.58 -15.59
C THR A 91 12.74 2.70 -15.14
N SER A 92 12.78 1.43 -15.53
CA SER A 92 11.74 0.50 -15.09
C SER A 92 11.68 0.40 -13.57
N GLU A 93 12.79 0.73 -12.88
CA GLU A 93 12.76 0.77 -11.42
C GLU A 93 11.85 1.87 -10.90
N ASP A 94 11.45 2.81 -11.74
CA ASP A 94 10.53 3.88 -11.36
C ASP A 94 9.07 3.49 -11.56
N THR A 95 8.79 2.31 -12.11
CA THR A 95 7.43 1.82 -12.17
C THR A 95 6.90 1.63 -10.75
N ALA A 96 5.77 2.26 -10.45
CA ALA A 96 5.27 2.20 -9.07
C ALA A 96 3.93 2.92 -8.99
N VAL A 97 3.21 2.66 -7.90
CA VAL A 97 2.06 3.46 -7.51
C VAL A 97 2.57 4.68 -6.76
N TYR A 98 2.20 5.86 -7.23
CA TYR A 98 2.61 7.12 -6.63
C TYR A 98 1.46 7.67 -5.81
N TYR A 99 1.69 7.88 -4.52
CA TYR A 99 0.74 8.46 -3.60
C TYR A 99 1.11 9.90 -3.31
N CYS A 100 0.16 10.80 -3.52
CA CYS A 100 0.24 12.13 -2.94
C CYS A 100 -0.02 12.04 -1.44
N THR A 101 0.73 12.81 -0.66
CA THR A 101 0.58 12.84 0.78
C THR A 101 0.53 14.29 1.25
N GLY A 102 -0.16 14.50 2.37
CA GLY A 102 -0.22 15.81 2.98
C GLY A 102 0.03 15.70 4.47
N SER A 103 0.40 16.84 5.05
CA SER A 103 0.71 16.91 6.46
C SER A 103 -0.11 18.01 7.12
N GLY A 104 -0.33 17.85 8.43
CA GLY A 104 -0.98 18.88 9.21
C GLY A 104 -0.12 19.29 10.39
N ASP A 105 1.14 19.60 10.13
CA ASP A 105 2.07 19.92 11.19
C ASP A 105 1.69 21.22 11.87
N THR A 106 1.98 21.30 13.17
CA THR A 106 1.68 22.49 13.96
C THR A 106 2.93 23.16 14.52
N TYR A 107 3.78 22.41 15.22
CA TYR A 107 4.92 22.99 15.93
C TYR A 107 6.27 22.53 15.42
N TYR A 108 6.40 21.27 14.99
CA TYR A 108 7.65 20.81 14.41
C TYR A 108 7.37 19.85 13.27
N TRP A 109 8.40 19.64 12.46
CA TRP A 109 8.31 18.79 11.28
C TRP A 109 7.72 17.42 11.63
N ARG A 110 6.70 17.02 10.89
CA ARG A 110 6.07 15.71 10.98
C ARG A 110 5.37 15.46 12.31
N ASP A 111 4.97 16.51 13.02
CA ASP A 111 4.22 16.33 14.25
C ASP A 111 2.71 16.19 14.02
N GLY A 112 2.25 16.34 12.77
CA GLY A 112 0.85 16.39 12.46
C GLY A 112 0.37 15.20 11.63
N ASP A 113 -0.96 15.19 11.42
CA ASP A 113 -1.59 14.08 10.72
C ASP A 113 -1.02 13.94 9.31
N ARG A 114 -1.09 12.72 8.79
CA ARG A 114 -0.63 12.41 7.45
C ARG A 114 -1.81 11.93 6.63
N TYR A 115 -2.12 12.65 5.56
CA TYR A 115 -3.21 12.33 4.66
C TYR A 115 -2.65 11.68 3.40
N TRP A 116 -3.42 10.74 2.85
CA TRP A 116 -2.99 9.96 1.69
C TRP A 116 -4.01 10.09 0.57
N GLY A 117 -3.52 10.15 -0.66
CA GLY A 117 -4.37 10.00 -1.82
C GLY A 117 -4.67 8.54 -2.07
N GLN A 118 -5.37 8.28 -3.17
CA GLN A 118 -5.69 6.91 -3.56
C GLN A 118 -4.58 6.25 -4.36
N GLY A 119 -3.59 7.00 -4.82
CA GLY A 119 -2.49 6.44 -5.58
C GLY A 119 -2.81 6.34 -7.06
N ILE A 120 -1.76 6.50 -7.87
CA ILE A 120 -1.86 6.38 -9.33
C ILE A 120 -0.70 5.53 -9.81
N LEU A 121 -0.99 4.51 -10.61
CA LEU A 121 0.06 3.62 -11.09
C LEU A 121 0.72 4.23 -12.32
N VAL A 122 2.05 4.33 -12.28
CA VAL A 122 2.85 4.76 -13.42
C VAL A 122 3.76 3.60 -13.81
N THR A 123 3.69 3.23 -15.08
CA THR A 123 4.45 2.10 -15.63
C THR A 123 5.48 2.65 -16.61
N VAL A 124 6.76 2.38 -16.35
CA VAL A 124 7.85 2.82 -17.20
C VAL A 124 8.19 1.65 -18.12
N SER A 125 7.88 1.79 -19.41
CA SER A 125 8.13 0.72 -20.36
C SER A 125 8.13 1.31 -21.78
N SER A 126 8.88 0.66 -22.67
CA SER A 126 8.94 1.05 -24.06
C SER A 126 7.84 0.41 -24.91
N ALA A 127 6.90 -0.28 -24.28
CA ALA A 127 5.79 -0.90 -25.00
C ALA A 127 4.65 0.09 -25.16
N SER A 128 3.64 -0.32 -25.91
CA SER A 128 2.47 0.52 -26.18
C SER A 128 1.21 -0.18 -25.69
N THR A 129 0.10 0.57 -25.72
CA THR A 129 -1.15 0.05 -25.18
C THR A 129 -1.56 -1.23 -25.89
N THR A 130 -2.14 -2.14 -25.12
CA THR A 130 -2.72 -3.37 -25.65
C THR A 130 -4.10 -3.54 -25.00
N ALA A 131 -5.14 -3.44 -25.81
CA ALA A 131 -6.49 -3.51 -25.28
C ALA A 131 -6.79 -4.93 -24.80
N PRO A 132 -7.64 -5.08 -23.78
CA PRO A 132 -7.98 -6.42 -23.30
C PRO A 132 -9.02 -7.09 -24.19
N LYS A 133 -9.12 -8.40 -24.02
CA LYS A 133 -10.18 -9.22 -24.62
C LYS A 133 -11.03 -9.79 -23.50
N VAL A 134 -12.34 -9.64 -23.61
CA VAL A 134 -13.26 -10.02 -22.55
C VAL A 134 -13.95 -11.32 -22.97
N PHE A 135 -13.59 -12.44 -22.33
CA PHE A 135 -14.23 -13.71 -22.59
C PHE A 135 -15.18 -14.08 -21.45
N PRO A 136 -16.29 -14.76 -21.72
CA PRO A 136 -17.18 -15.17 -20.62
C PRO A 136 -16.56 -16.28 -19.77
N LEU A 137 -17.24 -16.55 -18.65
CA LEU A 137 -16.87 -17.62 -17.73
C LEU A 137 -18.18 -18.14 -17.15
N ALA A 138 -18.64 -19.28 -17.68
CA ALA A 138 -19.85 -19.95 -17.23
C ALA A 138 -19.63 -21.46 -17.32
N SER A 139 -20.23 -22.18 -16.38
CA SER A 139 -20.08 -23.64 -16.33
C SER A 139 -21.26 -24.22 -15.55
N HIS A 140 -21.28 -25.54 -15.44
CA HIS A 140 -22.32 -26.25 -14.71
C HIS A 140 -21.73 -27.41 -13.91
N GLY A 146 -24.29 -24.02 -3.46
CA GLY A 146 -25.25 -25.03 -3.87
C GLY A 146 -26.45 -24.45 -4.60
N SER A 147 -27.32 -23.77 -3.84
CA SER A 147 -28.48 -23.11 -4.43
C SER A 147 -28.12 -21.86 -5.21
N THR A 148 -26.85 -21.46 -5.23
CA THR A 148 -26.39 -20.31 -5.97
C THR A 148 -25.37 -20.75 -7.01
N VAL A 149 -25.20 -19.92 -8.04
CA VAL A 149 -24.31 -20.20 -9.15
C VAL A 149 -23.36 -19.03 -9.34
N ALA A 150 -22.14 -19.35 -9.78
CA ALA A 150 -21.08 -18.37 -9.94
C ALA A 150 -20.79 -18.16 -11.42
N LEU A 151 -20.84 -16.91 -11.86
CA LEU A 151 -20.51 -16.57 -13.24
C LEU A 151 -19.45 -15.47 -13.22
N GLY A 152 -18.91 -15.17 -14.39
CA GLY A 152 -17.99 -14.03 -14.46
C GLY A 152 -17.46 -13.84 -15.85
N CYS A 153 -16.49 -12.93 -15.98
CA CYS A 153 -15.79 -12.77 -17.24
C CYS A 153 -14.30 -12.53 -16.99
N LEU A 154 -13.51 -13.00 -17.95
CA LEU A 154 -12.05 -12.94 -17.90
C LEU A 154 -11.59 -11.82 -18.81
N VAL A 155 -10.81 -10.90 -18.25
CA VAL A 155 -10.16 -9.82 -18.97
C VAL A 155 -8.74 -10.30 -19.27
N SER A 156 -8.40 -10.43 -20.56
CA SER A 156 -7.16 -11.07 -20.98
C SER A 156 -6.28 -10.11 -21.75
N SER A 157 -4.97 -10.26 -21.55
CA SER A 157 -3.95 -9.75 -22.47
C SER A 157 -4.15 -8.25 -22.73
N TYR A 158 -3.90 -7.48 -21.68
CA TYR A 158 -3.95 -6.03 -21.77
C TYR A 158 -2.66 -5.44 -21.22
N PHE A 159 -2.50 -4.13 -21.43
CA PHE A 159 -1.32 -3.38 -21.01
C PHE A 159 -1.53 -1.91 -21.33
N PRO A 160 -1.23 -0.98 -20.41
CA PRO A 160 -0.73 -1.18 -19.05
C PRO A 160 -1.78 -1.75 -18.09
N GLU A 161 -1.49 -1.81 -16.79
CA GLU A 161 -2.29 -2.57 -15.85
C GLU A 161 -3.63 -1.94 -15.46
N PRO A 162 -3.78 -0.61 -15.43
CA PRO A 162 -5.07 -0.06 -14.94
C PRO A 162 -6.27 -0.52 -15.74
N VAL A 163 -7.13 -1.33 -15.11
CA VAL A 163 -8.37 -1.80 -15.71
C VAL A 163 -9.43 -1.84 -14.62
N THR A 164 -10.68 -1.59 -15.01
CA THR A 164 -11.80 -1.61 -14.10
C THR A 164 -12.90 -2.51 -14.64
N VAL A 165 -13.70 -3.06 -13.73
CA VAL A 165 -14.82 -3.93 -14.08
C VAL A 165 -16.03 -3.55 -13.24
N SER A 166 -17.18 -3.51 -13.87
CA SER A 166 -18.47 -3.31 -13.20
C SER A 166 -19.44 -4.37 -13.67
N TRP A 167 -20.55 -4.52 -12.94
CA TRP A 167 -21.55 -5.53 -13.24
C TRP A 167 -22.90 -4.86 -13.38
N ASN A 168 -23.52 -5.00 -14.55
CA ASN A 168 -24.83 -4.40 -14.83
C ASN A 168 -24.80 -2.89 -14.55
N SER A 169 -23.65 -2.26 -14.80
CA SER A 169 -23.49 -0.81 -14.66
C SER A 169 -23.62 -0.37 -13.20
N GLY A 170 -22.96 -1.12 -12.30
CA GLY A 170 -23.02 -0.82 -10.89
C GLY A 170 -24.28 -1.24 -10.19
N ALA A 171 -25.37 -1.48 -10.93
CA ALA A 171 -26.62 -1.90 -10.30
C ALA A 171 -26.43 -3.17 -9.48
N LEU A 172 -25.46 -4.01 -9.82
CA LEU A 172 -25.17 -5.23 -9.10
C LEU A 172 -23.87 -5.05 -8.33
N THR A 173 -23.96 -5.08 -7.00
CA THR A 173 -22.79 -5.03 -6.14
C THR A 173 -22.75 -6.17 -5.12
N SER A 174 -23.86 -6.88 -4.90
CA SER A 174 -23.89 -7.95 -3.92
C SER A 174 -23.31 -9.22 -4.53
N GLY A 175 -22.34 -9.82 -3.82
CA GLY A 175 -21.73 -11.06 -4.26
C GLY A 175 -20.72 -10.91 -5.37
N VAL A 176 -20.36 -9.68 -5.74
CA VAL A 176 -19.38 -9.44 -6.80
C VAL A 176 -17.99 -9.43 -6.19
N HIS A 177 -17.02 -9.94 -6.94
CA HIS A 177 -15.61 -9.85 -6.53
C HIS A 177 -14.75 -9.75 -7.78
N THR A 178 -13.93 -8.70 -7.82
CA THR A 178 -12.96 -8.51 -8.89
C THR A 178 -11.57 -8.85 -8.35
N PHE A 179 -10.93 -9.83 -8.96
CA PHE A 179 -9.66 -10.34 -8.46
C PHE A 179 -8.50 -9.44 -8.87
N PRO A 180 -7.37 -9.55 -8.18
CA PRO A 180 -6.15 -8.88 -8.65
C PRO A 180 -5.69 -9.48 -9.97
N SER A 181 -4.78 -8.77 -10.62
CA SER A 181 -4.31 -9.16 -11.94
C SER A 181 -3.15 -10.15 -11.85
N VAL A 182 -2.79 -10.71 -13.00
CA VAL A 182 -1.62 -11.57 -13.14
C VAL A 182 -0.80 -11.06 -14.31
N LEU A 183 0.53 -11.13 -14.17
CA LEU A 183 1.45 -10.81 -15.24
C LEU A 183 1.96 -12.13 -15.81
N GLN A 184 1.50 -12.48 -17.01
CA GLN A 184 2.00 -13.67 -17.68
C GLN A 184 3.34 -13.38 -18.35
N SER A 185 4.13 -14.43 -18.53
CA SER A 185 5.43 -14.28 -19.17
C SER A 185 5.33 -13.59 -20.53
N SER A 186 4.15 -13.62 -21.15
CA SER A 186 3.93 -12.85 -22.37
C SER A 186 4.22 -11.37 -22.19
N GLY A 187 4.24 -10.88 -20.95
CA GLY A 187 4.41 -9.48 -20.67
C GLY A 187 3.11 -8.71 -20.54
N LEU A 188 1.97 -9.33 -20.79
CA LEU A 188 0.67 -8.71 -20.67
C LEU A 188 0.01 -9.12 -19.37
N TYR A 189 -1.11 -8.48 -19.07
CA TYR A 189 -1.83 -8.67 -17.82
C TYR A 189 -3.20 -9.28 -18.08
N SER A 190 -3.74 -9.93 -17.05
CA SER A 190 -5.09 -10.46 -17.12
C SER A 190 -5.66 -10.54 -15.71
N LEU A 191 -6.98 -10.42 -15.62
CA LEU A 191 -7.69 -10.60 -14.37
C LEU A 191 -9.05 -11.22 -14.66
N SER A 192 -9.82 -11.46 -13.61
CA SER A 192 -11.15 -12.02 -13.74
C SER A 192 -12.08 -11.29 -12.77
N SER A 193 -13.37 -11.25 -13.11
CA SER A 193 -14.38 -10.73 -12.22
C SER A 193 -15.54 -11.70 -12.17
N MET A 194 -16.05 -11.96 -10.97
CA MET A 194 -17.10 -12.96 -10.77
C MET A 194 -18.21 -12.38 -9.92
N VAL A 195 -19.38 -13.03 -10.00
CA VAL A 195 -20.49 -12.73 -9.12
C VAL A 195 -21.25 -14.02 -8.84
N THR A 196 -21.77 -14.11 -7.61
CA THR A 196 -22.62 -15.20 -7.17
C THR A 196 -24.07 -14.73 -7.25
N VAL A 197 -24.92 -15.53 -7.88
CA VAL A 197 -26.32 -15.18 -8.08
C VAL A 197 -27.18 -16.37 -7.66
N PRO A 198 -28.48 -16.16 -7.45
CA PRO A 198 -29.35 -17.30 -7.14
C PRO A 198 -29.59 -18.14 -8.38
N ALA A 199 -29.61 -19.46 -8.18
CA ALA A 199 -29.80 -20.38 -9.30
C ALA A 199 -31.01 -19.99 -10.14
N SER A 200 -32.11 -19.60 -9.49
CA SER A 200 -33.32 -19.23 -10.21
C SER A 200 -33.04 -18.11 -11.22
N SER A 201 -32.41 -17.03 -10.76
CA SER A 201 -32.11 -15.91 -11.64
C SER A 201 -31.33 -16.34 -12.88
N LEU A 202 -30.74 -17.53 -12.87
CA LEU A 202 -30.05 -18.03 -14.06
C LEU A 202 -30.94 -17.96 -15.29
N LYS A 203 -32.24 -18.22 -15.11
CA LYS A 203 -33.20 -18.21 -16.21
C LYS A 203 -34.24 -17.10 -16.05
N SER A 204 -33.88 -16.03 -15.34
CA SER A 204 -34.82 -14.94 -15.09
C SER A 204 -34.19 -13.59 -15.43
N GLN A 205 -33.00 -13.34 -14.91
CA GLN A 205 -32.29 -12.07 -15.11
C GLN A 205 -31.04 -12.29 -15.96
N THR A 206 -30.62 -11.23 -16.62
CA THR A 206 -29.42 -11.22 -17.45
C THR A 206 -28.31 -10.45 -16.72
N TYR A 207 -27.07 -10.91 -16.93
CA TYR A 207 -25.91 -10.36 -16.24
C TYR A 207 -24.82 -10.09 -17.25
N ILE A 208 -24.46 -8.82 -17.43
CA ILE A 208 -23.39 -8.41 -18.32
C ILE A 208 -22.33 -7.69 -17.50
N CYS A 209 -21.06 -7.87 -17.86
CA CYS A 209 -19.96 -7.18 -17.21
C CYS A 209 -19.41 -6.10 -18.14
N ASN A 210 -19.09 -4.95 -17.55
CA ASN A 210 -18.57 -3.79 -18.27
C ASN A 210 -17.10 -3.62 -17.88
N VAL A 211 -16.22 -3.88 -18.83
CA VAL A 211 -14.78 -3.75 -18.64
C VAL A 211 -14.34 -2.40 -19.20
N ALA A 212 -13.28 -1.85 -18.61
CA ALA A 212 -12.75 -0.56 -19.04
C ALA A 212 -11.24 -0.58 -18.92
N HIS A 213 -10.56 -0.39 -20.06
CA HIS A 213 -9.13 -0.12 -20.10
C HIS A 213 -8.95 1.35 -20.46
N PRO A 214 -8.77 2.24 -19.48
CA PRO A 214 -8.64 3.67 -19.81
C PRO A 214 -7.39 3.99 -20.59
N ALA A 215 -6.25 3.39 -20.24
CA ALA A 215 -5.01 3.65 -20.97
C ALA A 215 -5.14 3.34 -22.45
N SER A 216 -6.11 2.50 -22.82
CA SER A 216 -6.45 2.26 -24.22
C SER A 216 -7.80 2.85 -24.60
N SER A 217 -8.49 3.49 -23.65
CA SER A 217 -9.81 4.08 -23.88
C SER A 217 -10.80 3.06 -24.41
N THR A 218 -10.57 1.77 -24.17
CA THR A 218 -11.44 0.73 -24.69
C THR A 218 -12.41 0.29 -23.59
N LYS A 219 -13.69 0.59 -23.78
CA LYS A 219 -14.74 0.19 -22.86
C LYS A 219 -15.60 -0.85 -23.54
N VAL A 220 -15.69 -2.04 -22.95
CA VAL A 220 -16.34 -3.18 -23.57
C VAL A 220 -17.44 -3.68 -22.63
N ASP A 221 -18.45 -4.32 -23.21
CA ASP A 221 -19.55 -4.88 -22.45
C ASP A 221 -19.81 -6.30 -22.96
N LYS A 222 -19.68 -7.28 -22.07
CA LYS A 222 -19.88 -8.68 -22.42
C LYS A 222 -21.10 -9.22 -21.71
N LYS A 223 -21.84 -10.09 -22.40
CA LYS A 223 -23.04 -10.70 -21.86
C LYS A 223 -22.77 -12.18 -21.54
N ILE A 224 -23.61 -12.73 -20.68
CA ILE A 224 -23.44 -14.10 -20.22
C ILE A 224 -24.80 -14.78 -20.07
N GLN B 1 21.33 4.51 6.92
CA GLN B 1 20.31 4.23 7.97
C GLN B 1 19.08 3.55 7.39
N SER B 2 18.54 2.58 8.14
CA SER B 2 17.31 1.91 7.76
C SER B 2 16.60 1.45 9.03
N VAL B 3 15.29 1.30 8.92
CA VAL B 3 14.45 0.79 10.01
C VAL B 3 13.86 -0.54 9.56
N THR B 4 13.82 -1.50 10.47
CA THR B 4 13.37 -2.85 10.16
C THR B 4 12.20 -3.24 11.06
N GLN B 5 11.35 -4.10 10.51
CA GLN B 5 10.23 -4.69 11.24
C GLN B 5 10.06 -6.12 10.76
N PRO B 6 9.58 -7.02 11.62
CA PRO B 6 9.42 -8.42 11.20
C PRO B 6 8.44 -8.52 10.04
N ALA B 7 8.65 -9.54 9.20
CA ALA B 7 7.84 -9.68 7.99
C ALA B 7 6.41 -10.12 8.31
N SER B 8 6.23 -10.90 9.37
CA SER B 8 4.96 -11.54 9.64
C SER B 8 4.66 -11.54 11.12
N VAL B 9 3.37 -11.44 11.46
CA VAL B 9 2.90 -11.67 12.82
C VAL B 9 1.50 -12.26 12.73
N SER B 10 1.14 -13.03 13.75
CA SER B 10 -0.16 -13.68 13.83
C SER B 10 -0.74 -13.49 15.22
N GLY B 11 -2.06 -13.45 15.30
CA GLY B 11 -2.74 -13.30 16.57
C GLY B 11 -4.14 -13.86 16.52
N THR B 12 -4.57 -14.41 17.64
CA THR B 12 -5.93 -14.91 17.76
C THR B 12 -6.90 -13.76 18.03
N LEU B 13 -8.11 -13.88 17.49
CA LEU B 13 -9.14 -12.86 17.69
C LEU B 13 -9.24 -12.47 19.15
N GLY B 14 -9.21 -11.17 19.42
CA GLY B 14 -9.34 -10.64 20.75
C GLY B 14 -8.05 -10.46 21.51
N GLN B 15 -6.94 -11.01 21.02
CA GLN B 15 -5.68 -10.90 21.72
C GLN B 15 -5.00 -9.56 21.40
N THR B 16 -3.98 -9.25 22.17
CA THR B 16 -3.12 -8.11 21.88
C THR B 16 -1.97 -8.54 20.97
N VAL B 17 -1.68 -7.72 19.98
CA VAL B 17 -0.59 -7.98 19.05
C VAL B 17 0.26 -6.73 18.93
N THR B 18 1.58 -6.90 18.99
CA THR B 18 2.51 -5.79 18.82
C THR B 18 3.33 -5.98 17.56
N ILE B 19 3.62 -4.87 16.89
CA ILE B 19 4.51 -4.83 15.74
C ILE B 19 5.57 -3.79 16.03
N SER B 20 6.83 -4.20 16.03
CA SER B 20 7.94 -3.35 16.42
C SER B 20 8.82 -3.01 15.23
N CYS B 21 9.27 -1.76 15.21
CA CYS B 21 10.08 -1.18 14.15
C CYS B 21 11.37 -0.69 14.79
N SER B 22 12.48 -1.31 14.44
CA SER B 22 13.77 -1.02 15.07
C SER B 22 14.54 -0.04 14.22
N GLY B 23 14.79 1.15 14.76
CA GLY B 23 15.54 2.17 14.05
C GLY B 23 16.76 2.63 14.80
N SER B 24 17.06 3.93 14.73
CA SER B 24 18.24 4.50 15.35
C SER B 24 17.88 5.82 16.02
N LYS B 25 18.82 6.34 16.80
CA LYS B 25 18.58 7.63 17.46
C LYS B 25 18.39 8.76 16.46
N SER B 26 18.89 8.60 15.23
CA SER B 26 18.73 9.64 14.22
C SER B 26 17.31 9.70 13.66
N ASN B 27 16.49 8.66 13.87
CA ASN B 27 15.13 8.67 13.34
C ASN B 27 14.11 8.34 14.42
N ILE B 28 13.82 7.06 14.64
CA ILE B 28 12.78 6.68 15.59
C ILE B 28 13.08 7.26 16.97
N GLY B 29 14.34 7.30 17.35
CA GLY B 29 14.75 7.83 18.63
C GLY B 29 15.00 9.33 18.65
N ASP B 30 14.74 10.03 17.56
CA ASP B 30 14.95 11.48 17.54
C ASP B 30 13.85 12.18 18.33
N THR B 31 14.23 13.25 19.03
CA THR B 31 13.32 14.08 19.77
C THR B 31 13.40 15.51 19.23
N PRO B 32 12.27 16.19 18.98
CA PRO B 32 10.87 15.78 19.20
C PRO B 32 10.48 14.56 18.37
N THR B 33 9.58 13.74 18.90
CA THR B 33 9.31 12.42 18.32
C THR B 33 8.38 12.51 17.12
N TYR B 34 8.73 11.76 16.07
CA TYR B 34 7.80 11.43 15.01
C TYR B 34 7.92 9.94 14.70
N VAL B 35 6.83 9.21 14.90
CA VAL B 35 6.70 7.85 14.40
C VAL B 35 5.32 7.72 13.78
N GLY B 36 5.27 7.24 12.55
CA GLY B 36 4.02 7.02 11.84
C GLY B 36 3.77 5.53 11.68
N TRP B 37 2.51 5.13 11.87
CA TRP B 37 2.07 3.77 11.64
C TRP B 37 0.92 3.82 10.65
N PHE B 38 1.11 3.15 9.51
CA PHE B 38 0.18 3.19 8.39
C PHE B 38 -0.29 1.78 8.08
N GLN B 39 -1.59 1.63 7.85
CA GLN B 39 -2.22 0.33 7.64
C GLN B 39 -2.67 0.25 6.19
N GLN B 40 -2.25 -0.81 5.50
CA GLN B 40 -2.53 -0.99 4.09
C GLN B 40 -3.21 -2.33 3.89
N ILE B 41 -4.45 -2.29 3.45
CA ILE B 41 -5.10 -3.49 2.92
C ILE B 41 -4.59 -3.72 1.50
N PRO B 42 -4.14 -4.93 1.16
CA PRO B 42 -3.57 -5.15 -0.18
C PRO B 42 -4.42 -4.54 -1.29
N GLY B 43 -3.75 -3.82 -2.19
CA GLY B 43 -4.41 -3.23 -3.34
C GLY B 43 -4.96 -1.84 -3.12
N THR B 44 -4.82 -1.27 -1.93
CA THR B 44 -5.39 0.03 -1.61
C THR B 44 -4.34 0.90 -0.95
N ALA B 45 -4.64 2.20 -0.90
CA ALA B 45 -3.69 3.15 -0.35
C ALA B 45 -3.53 2.93 1.15
N PRO B 46 -2.35 3.21 1.71
CA PRO B 46 -2.19 3.15 3.16
C PRO B 46 -3.09 4.16 3.86
N LYS B 47 -3.46 3.84 5.09
CA LYS B 47 -4.22 4.74 5.95
C LYS B 47 -3.43 4.97 7.23
N THR B 48 -3.41 6.22 7.68
CA THR B 48 -2.66 6.58 8.88
C THR B 48 -3.40 6.11 10.12
N LEU B 49 -2.74 5.29 10.93
CA LEU B 49 -3.23 4.95 12.25
C LEU B 49 -2.59 5.82 13.32
N ILE B 50 -1.26 5.92 13.32
CA ILE B 50 -0.54 6.71 14.32
C ILE B 50 0.34 7.72 13.59
N TYR B 51 0.45 8.92 14.14
CA TYR B 51 1.28 9.96 13.53
C TYR B 51 1.98 10.76 14.61
N GLY B 52 2.91 11.60 14.17
CA GLY B 52 3.54 12.56 15.06
C GLY B 52 4.09 11.93 16.32
N ASP B 53 3.78 12.55 17.45
CA ASP B 53 4.27 12.10 18.76
C ASP B 53 3.41 10.95 19.29
N ASN B 54 3.32 9.89 18.48
CA ASN B 54 2.54 8.70 18.80
C ASN B 54 1.08 9.06 19.10
N ARG B 55 0.51 9.91 18.26
CA ARG B 55 -0.88 10.32 18.37
C ARG B 55 -1.72 9.57 17.33
N ARG B 56 -2.99 9.38 17.66
CA ARG B 56 -3.90 8.55 16.87
C ARG B 56 -4.74 9.42 15.95
N ALA B 57 -4.90 8.94 14.71
CA ALA B 57 -5.60 9.71 13.69
C ALA B 57 -7.12 9.57 13.85
N SER B 58 -7.84 10.45 13.16
CA SER B 58 -9.28 10.57 13.33
C SER B 58 -9.98 9.33 12.84
N GLY B 59 -10.99 8.89 13.60
CA GLY B 59 -11.75 7.72 13.24
C GLY B 59 -11.01 6.41 13.34
N VAL B 60 -9.83 6.41 13.96
CA VAL B 60 -9.04 5.19 14.15
C VAL B 60 -9.46 4.56 15.48
N PRO B 61 -9.82 3.29 15.51
CA PRO B 61 -10.27 2.69 16.78
C PRO B 61 -9.21 2.80 17.86
N ASP B 62 -9.66 2.98 19.10
CA ASP B 62 -8.74 3.22 20.21
C ASP B 62 -7.92 1.99 20.58
N ARG B 63 -8.13 0.84 19.93
CA ARG B 63 -7.29 -0.32 20.18
C ARG B 63 -5.90 -0.19 19.56
N PHE B 64 -5.68 0.79 18.69
CA PHE B 64 -4.37 1.06 18.14
C PHE B 64 -3.68 2.13 18.98
N SER B 65 -2.44 1.86 19.38
CA SER B 65 -1.64 2.89 20.05
C SER B 65 -0.18 2.70 19.68
N GLY B 66 0.57 3.79 19.70
CA GLY B 66 1.98 3.77 19.36
C GLY B 66 2.82 4.22 20.55
N SER B 67 3.98 3.58 20.73
CA SER B 67 4.90 3.97 21.78
C SER B 67 6.33 3.85 21.25
N VAL B 68 7.26 4.49 21.96
CA VAL B 68 8.67 4.46 21.60
C VAL B 68 9.48 4.18 22.87
N SER B 69 10.46 3.29 22.74
CA SER B 69 11.41 3.01 23.79
C SER B 69 12.79 2.93 23.17
N GLY B 70 13.70 3.78 23.63
CA GLY B 70 15.00 3.89 22.98
C GLY B 70 14.81 4.25 21.52
N ASN B 71 15.33 3.40 20.64
CA ASN B 71 15.19 3.59 19.19
C ASN B 71 14.25 2.57 18.56
N THR B 72 13.34 2.00 19.35
CA THR B 72 12.38 1.01 18.87
C THR B 72 10.98 1.58 19.04
N ALA B 73 10.20 1.57 17.97
CA ALA B 73 8.80 2.00 18.00
C ALA B 73 7.90 0.77 17.96
N THR B 74 6.77 0.83 18.66
CA THR B 74 5.88 -0.31 18.74
C THR B 74 4.44 0.13 18.55
N LEU B 75 3.77 -0.49 17.58
CA LEU B 75 2.33 -0.40 17.42
C LEU B 75 1.69 -1.54 18.22
N THR B 76 0.81 -1.19 19.14
CA THR B 76 0.06 -2.16 19.92
C THR B 76 -1.39 -2.13 19.46
N ILE B 77 -1.91 -3.31 19.10
CA ILE B 77 -3.29 -3.51 18.73
C ILE B 77 -3.92 -4.32 19.86
N SER B 78 -4.77 -3.66 20.65
CA SER B 78 -5.33 -4.25 21.87
C SER B 78 -6.66 -4.91 21.51
N GLY B 79 -6.61 -6.22 21.25
CA GLY B 79 -7.80 -6.95 20.87
C GLY B 79 -8.04 -7.03 19.38
N VAL B 80 -7.10 -7.63 18.65
CA VAL B 80 -7.19 -7.66 17.20
C VAL B 80 -8.55 -8.16 16.73
N GLN B 81 -9.00 -7.62 15.61
CA GLN B 81 -10.24 -8.03 14.97
C GLN B 81 -9.94 -8.49 13.54
N ALA B 82 -10.92 -9.13 12.93
CA ALA B 82 -10.72 -9.69 11.59
C ALA B 82 -10.25 -8.62 10.61
N GLU B 83 -10.86 -7.43 10.67
CA GLU B 83 -10.51 -6.38 9.71
C GLU B 83 -9.11 -5.83 9.92
N ASP B 84 -8.44 -6.18 11.01
CA ASP B 84 -7.08 -5.73 11.25
C ASP B 84 -6.05 -6.50 10.44
N GLU B 85 -6.46 -7.56 9.75
CA GLU B 85 -5.54 -8.30 8.89
C GLU B 85 -5.09 -7.40 7.75
N ALA B 86 -3.78 -7.17 7.66
CA ALA B 86 -3.27 -6.15 6.73
C ALA B 86 -1.77 -5.98 6.86
N VAL B 87 -1.17 -5.09 6.07
CA VAL B 87 0.26 -4.80 6.15
C VAL B 87 0.45 -3.49 6.89
N TYR B 88 1.32 -3.50 7.90
CA TYR B 88 1.57 -2.34 8.74
C TYR B 88 2.98 -1.82 8.47
N TRP B 89 3.08 -0.53 8.14
CA TRP B 89 4.33 0.12 7.83
C TRP B 89 4.64 1.17 8.90
N CYS B 90 5.88 1.16 9.40
CA CYS B 90 6.39 2.25 10.23
C CYS B 90 7.13 3.25 9.36
N GLY B 91 7.02 4.51 9.73
CA GLY B 91 7.79 5.56 9.10
C GLY B 91 8.34 6.51 10.15
N SER B 92 9.50 7.09 9.84
CA SER B 92 10.12 8.04 10.77
C SER B 92 11.04 8.96 10.00
N TRP B 93 11.33 10.11 10.59
CA TRP B 93 12.17 11.10 9.95
C TRP B 93 13.59 11.01 10.50
N ASP B 94 14.56 10.88 9.60
CA ASP B 94 15.97 10.82 9.95
C ASP B 94 16.58 12.20 9.72
N VAL B 95 17.14 12.76 10.80
CA VAL B 95 17.72 14.10 10.76
C VAL B 95 19.12 14.11 10.17
N ASN B 96 19.78 12.95 10.10
CA ASN B 96 21.12 12.89 9.51
C ASN B 96 21.04 12.92 7.99
N SER B 97 20.06 12.22 7.42
CA SER B 97 19.85 12.23 5.97
C SER B 97 18.68 13.11 5.56
N ASP B 98 18.03 13.77 6.50
CA ASP B 98 16.89 14.66 6.21
C ASP B 98 15.88 13.95 5.32
N SER B 99 15.37 12.81 5.80
CA SER B 99 14.52 12.02 4.92
C SER B 99 13.60 11.12 5.73
N GLU B 100 12.49 10.74 5.10
CA GLU B 100 11.55 9.80 5.71
C GLU B 100 11.96 8.37 5.34
N LEU B 101 12.16 7.55 6.36
CA LEU B 101 12.50 6.14 6.21
C LEU B 101 11.28 5.30 6.57
N PHE B 102 11.01 4.30 5.75
CA PHE B 102 9.94 3.35 5.99
C PHE B 102 10.52 1.97 6.26
N GLY B 103 9.81 1.19 7.07
CA GLY B 103 10.16 -0.20 7.27
C GLY B 103 9.64 -1.07 6.15
N GLY B 104 10.08 -2.33 6.15
CA GLY B 104 9.68 -3.27 5.13
C GLY B 104 8.28 -3.82 5.26
N GLY B 105 7.55 -3.43 6.29
CA GLY B 105 6.16 -3.87 6.44
C GLY B 105 6.02 -5.17 7.20
N THR B 106 4.92 -5.28 7.95
CA THR B 106 4.60 -6.48 8.72
C THR B 106 3.18 -6.91 8.37
N HIS B 107 3.03 -8.15 7.91
CA HIS B 107 1.72 -8.68 7.54
C HIS B 107 1.08 -9.35 8.75
N LEU B 108 -0.02 -8.77 9.23
CA LEU B 108 -0.79 -9.34 10.32
C LEU B 108 -1.91 -10.19 9.73
N THR B 109 -1.95 -11.46 10.13
CA THR B 109 -3.03 -12.38 9.84
C THR B 109 -3.66 -12.83 11.16
N ILE B 110 -4.96 -13.12 11.13
CA ILE B 110 -5.70 -13.54 12.31
C ILE B 110 -5.95 -15.04 12.25
N ALA B 111 -5.83 -15.69 13.40
CA ALA B 111 -6.03 -17.13 13.53
C ALA B 111 -7.14 -17.41 14.55
N GLY B 112 -7.54 -18.67 14.61
CA GLY B 112 -8.53 -19.11 15.56
C GLY B 112 -9.97 -18.91 15.13
N GLY B 113 -10.23 -17.91 14.29
CA GLY B 113 -11.57 -17.66 13.81
C GLY B 113 -12.19 -18.92 13.20
N PRO B 114 -13.51 -18.98 13.14
CA PRO B 114 -14.16 -20.13 12.50
C PRO B 114 -13.70 -20.32 11.06
N THR B 115 -13.57 -21.58 10.66
CA THR B 115 -13.08 -21.95 9.34
C THR B 115 -14.23 -22.09 8.36
N SER B 116 -14.07 -21.51 7.18
CA SER B 116 -15.05 -21.59 6.10
C SER B 116 -14.45 -22.37 4.94
N ALA B 117 -15.15 -23.39 4.49
CA ALA B 117 -14.65 -24.22 3.41
C ALA B 117 -14.60 -23.42 2.11
N PRO B 118 -13.60 -23.67 1.25
CA PRO B 118 -13.51 -22.91 -0.01
C PRO B 118 -14.50 -23.41 -1.05
N SER B 119 -15.15 -22.45 -1.70
CA SER B 119 -16.02 -22.73 -2.85
C SER B 119 -15.21 -22.56 -4.13
N VAL B 120 -15.14 -23.62 -4.93
CA VAL B 120 -14.33 -23.66 -6.14
C VAL B 120 -15.25 -23.58 -7.35
N SER B 121 -14.83 -22.82 -8.36
CA SER B 121 -15.54 -22.75 -9.62
C SER B 121 -14.52 -22.80 -10.75
N LEU B 122 -14.63 -23.80 -11.61
CA LEU B 122 -13.70 -24.01 -12.72
C LEU B 122 -14.39 -23.67 -14.03
N PHE B 123 -13.71 -22.90 -14.86
CA PHE B 123 -14.26 -22.42 -16.12
C PHE B 123 -13.28 -22.79 -17.24
N PRO B 124 -13.76 -23.42 -18.30
CA PRO B 124 -12.87 -23.81 -19.39
C PRO B 124 -12.59 -22.63 -20.31
N PRO B 125 -11.63 -22.77 -21.23
CA PRO B 125 -11.42 -21.72 -22.23
C PRO B 125 -12.65 -21.58 -23.11
N SER B 126 -13.12 -20.34 -23.25
CA SER B 126 -14.25 -20.07 -24.11
C SER B 126 -13.91 -20.43 -25.56
N SER B 127 -14.95 -20.68 -26.35
CA SER B 127 -14.74 -20.99 -27.76
C SER B 127 -13.93 -19.90 -28.45
N GLU B 128 -14.05 -18.65 -27.99
CA GLU B 128 -13.34 -17.55 -28.62
C GLU B 128 -11.83 -17.68 -28.43
N GLU B 129 -11.39 -17.83 -27.18
CA GLU B 129 -9.96 -17.95 -26.92
C GLU B 129 -9.37 -19.14 -27.67
N LEU B 130 -10.06 -20.28 -27.66
CA LEU B 130 -9.62 -21.42 -28.45
C LEU B 130 -9.55 -21.07 -29.93
N SER B 131 -10.47 -20.23 -30.41
CA SER B 131 -10.39 -19.74 -31.78
C SER B 131 -9.12 -18.93 -32.00
N ALA B 132 -8.63 -18.26 -30.95
CA ALA B 132 -7.41 -17.46 -31.04
C ALA B 132 -6.14 -18.27 -30.79
N ASN B 133 -6.25 -19.61 -30.78
CA ASN B 133 -5.07 -20.48 -30.64
C ASN B 133 -4.42 -20.30 -29.27
N LYS B 134 -5.22 -20.48 -28.23
CA LYS B 134 -4.73 -20.39 -26.85
C LYS B 134 -5.81 -20.93 -25.91
N ALA B 135 -5.37 -21.42 -24.76
CA ALA B 135 -6.25 -22.02 -23.77
C ALA B 135 -5.94 -21.44 -22.40
N THR B 136 -6.97 -20.92 -21.73
CA THR B 136 -6.85 -20.38 -20.38
C THR B 136 -7.97 -20.98 -19.54
N VAL B 137 -7.59 -21.82 -18.58
CA VAL B 137 -8.55 -22.41 -17.64
C VAL B 137 -8.53 -21.58 -16.37
N VAL B 138 -9.71 -21.21 -15.88
CA VAL B 138 -9.87 -20.26 -14.79
C VAL B 138 -10.42 -20.99 -13.58
N CYS B 139 -9.68 -20.94 -12.46
CA CYS B 139 -10.14 -21.51 -11.19
C CYS B 139 -10.35 -20.36 -10.23
N LEU B 140 -11.61 -20.10 -9.87
CA LEU B 140 -11.96 -19.04 -8.93
C LEU B 140 -12.38 -19.67 -7.61
N ILE B 141 -11.66 -19.35 -6.55
CA ILE B 141 -11.92 -19.88 -5.22
C ILE B 141 -12.41 -18.73 -4.35
N SER B 142 -13.50 -18.95 -3.63
CA SER B 142 -14.14 -17.88 -2.88
C SER B 142 -14.70 -18.42 -1.56
N ASP B 143 -14.84 -17.51 -0.60
CA ASP B 143 -15.52 -17.82 0.66
C ASP B 143 -14.75 -18.88 1.44
N PHE B 144 -13.46 -18.63 1.65
CA PHE B 144 -12.66 -19.45 2.55
C PHE B 144 -12.04 -18.58 3.64
N SER B 145 -11.85 -19.20 4.80
CA SER B 145 -11.24 -18.59 5.97
C SER B 145 -10.63 -19.74 6.78
N PRO B 146 -9.38 -19.62 7.25
CA PRO B 146 -8.42 -18.51 7.12
C PRO B 146 -7.98 -18.20 5.69
N SER B 147 -7.10 -17.21 5.54
CA SER B 147 -6.73 -16.70 4.23
C SER B 147 -5.75 -17.58 3.45
N GLY B 148 -4.98 -18.42 4.12
CA GLY B 148 -3.97 -19.21 3.45
C GLY B 148 -4.56 -20.48 2.85
N LEU B 149 -4.23 -20.74 1.58
CA LEU B 149 -4.60 -21.97 0.90
C LEU B 149 -3.46 -22.36 -0.04
N GLU B 150 -3.67 -23.43 -0.81
CA GLU B 150 -2.72 -23.85 -1.82
C GLU B 150 -3.48 -24.35 -3.03
N VAL B 151 -3.07 -23.93 -4.23
CA VAL B 151 -3.70 -24.32 -5.48
C VAL B 151 -2.72 -25.19 -6.26
N ILE B 152 -3.19 -26.36 -6.68
CA ILE B 152 -2.40 -27.29 -7.49
C ILE B 152 -3.19 -27.57 -8.77
N TRP B 153 -2.56 -27.33 -9.91
CA TRP B 153 -3.15 -27.60 -11.20
C TRP B 153 -2.67 -28.95 -11.72
N LYS B 154 -3.51 -29.59 -12.54
CA LYS B 154 -3.13 -30.85 -13.16
C LYS B 154 -3.79 -30.94 -14.53
N VAL B 155 -3.13 -31.63 -15.45
CA VAL B 155 -3.69 -31.90 -16.77
C VAL B 155 -3.55 -33.39 -17.04
N ASN B 156 -4.48 -33.92 -17.82
CA ASN B 156 -4.57 -35.36 -18.04
C ASN B 156 -4.60 -36.11 -16.71
N ASP B 157 -5.16 -35.47 -15.68
CA ASP B 157 -5.19 -36.03 -14.35
C ASP B 157 -3.77 -36.25 -13.83
N GLN B 165 -0.31 -19.73 -12.92
CA GLN B 165 -0.16 -18.50 -12.16
C GLN B 165 -1.38 -18.23 -11.29
N THR B 166 -1.16 -18.13 -9.98
CA THR B 166 -2.20 -17.83 -9.01
C THR B 166 -2.00 -16.42 -8.46
N THR B 167 -3.06 -15.91 -7.83
CA THR B 167 -3.02 -14.62 -7.16
C THR B 167 -3.14 -14.81 -5.65
N ARG B 168 -2.49 -13.93 -4.91
CA ARG B 168 -2.58 -13.98 -3.46
C ARG B 168 -4.03 -13.77 -3.03
N PRO B 169 -4.52 -14.52 -2.04
CA PRO B 169 -5.90 -14.31 -1.60
C PRO B 169 -6.13 -12.89 -1.12
N SER B 170 -7.32 -12.36 -1.43
CA SER B 170 -7.74 -11.03 -1.00
C SER B 170 -9.09 -11.12 -0.33
N LYS B 171 -9.35 -10.18 0.58
CA LYS B 171 -10.62 -10.15 1.29
C LYS B 171 -11.76 -9.84 0.34
N GLN B 172 -12.86 -10.56 0.50
CA GLN B 172 -14.10 -10.25 -0.22
C GLN B 172 -14.91 -9.21 0.55
N SER B 173 -16.00 -8.76 -0.05
CA SER B 173 -16.86 -7.80 0.63
C SER B 173 -17.48 -8.40 1.88
N ASN B 174 -17.75 -9.70 1.87
CA ASN B 174 -18.39 -10.37 3.01
C ASN B 174 -17.42 -10.69 4.14
N GLY B 175 -16.12 -10.41 3.98
CA GLY B 175 -15.13 -10.68 4.99
C GLY B 175 -14.33 -11.94 4.76
N LYS B 176 -14.81 -12.86 3.92
CA LYS B 176 -14.05 -14.05 3.60
C LYS B 176 -13.06 -13.75 2.48
N TYR B 177 -12.27 -14.75 2.11
CA TYR B 177 -11.16 -14.58 1.18
C TYR B 177 -11.47 -15.22 -0.16
N ALA B 178 -10.76 -14.75 -1.19
CA ALA B 178 -10.93 -15.24 -2.54
C ALA B 178 -9.57 -15.21 -3.26
N ALA B 179 -9.39 -16.14 -4.19
CA ALA B 179 -8.17 -16.23 -4.97
C ALA B 179 -8.53 -16.71 -6.38
N SER B 180 -7.60 -16.47 -7.31
CA SER B 180 -7.81 -16.80 -8.71
C SER B 180 -6.57 -17.50 -9.26
N SER B 181 -6.78 -18.47 -10.13
CA SER B 181 -5.70 -19.23 -10.74
C SER B 181 -5.97 -19.39 -12.23
N TYR B 182 -4.93 -19.25 -13.03
CA TYR B 182 -5.02 -19.39 -14.48
C TYR B 182 -4.04 -20.45 -14.96
N LEU B 183 -4.54 -21.39 -15.76
CA LEU B 183 -3.71 -22.39 -16.43
C LEU B 183 -3.67 -22.05 -17.91
N THR B 184 -2.50 -21.62 -18.38
CA THR B 184 -2.31 -21.22 -19.77
C THR B 184 -1.61 -22.34 -20.53
N ARG B 185 -2.17 -22.73 -21.67
CA ARG B 185 -1.59 -23.77 -22.51
C ARG B 185 -2.04 -23.52 -23.94
N THR B 186 -1.10 -23.62 -24.88
CA THR B 186 -1.45 -23.50 -26.30
C THR B 186 -2.69 -24.33 -26.59
N SER B 187 -3.56 -23.79 -27.46
CA SER B 187 -4.80 -24.47 -27.83
C SER B 187 -4.56 -25.95 -28.08
N THR B 188 -3.45 -26.26 -28.74
CA THR B 188 -3.11 -27.66 -28.98
C THR B 188 -2.90 -28.42 -27.67
N GLU B 189 -2.26 -27.76 -26.69
CA GLU B 189 -1.93 -28.45 -25.44
C GLU B 189 -3.18 -28.86 -24.67
N TRP B 190 -4.24 -28.06 -24.73
CA TRP B 190 -5.47 -28.39 -24.00
C TRP B 190 -6.44 -29.22 -24.82
N LYS B 191 -6.64 -28.87 -26.10
CA LYS B 191 -7.50 -29.69 -26.95
C LYS B 191 -6.97 -31.11 -27.12
N SER B 192 -5.73 -31.37 -26.72
CA SER B 192 -5.15 -32.70 -26.75
C SER B 192 -5.13 -33.37 -25.39
N TYR B 193 -5.39 -32.64 -24.30
CA TYR B 193 -5.43 -33.24 -22.98
C TYR B 193 -6.64 -34.17 -22.85
N SER B 194 -6.71 -34.85 -21.71
CA SER B 194 -7.85 -35.69 -21.38
C SER B 194 -8.68 -35.17 -20.22
N SER B 195 -8.06 -34.46 -19.27
CA SER B 195 -8.78 -33.90 -18.14
C SER B 195 -7.91 -32.94 -17.34
N VAL B 196 -8.26 -31.66 -17.36
CA VAL B 196 -7.61 -30.65 -16.52
C VAL B 196 -8.36 -30.58 -15.20
N SER B 197 -7.65 -30.18 -14.15
CA SER B 197 -8.23 -30.18 -12.81
C SER B 197 -7.54 -29.15 -11.93
N CYS B 198 -8.34 -28.50 -11.09
CA CYS B 198 -7.88 -27.53 -10.11
C CYS B 198 -8.18 -28.08 -8.73
N GLN B 199 -7.14 -28.25 -7.91
CA GLN B 199 -7.27 -28.79 -6.57
C GLN B 199 -6.88 -27.70 -5.57
N VAL B 200 -7.77 -27.39 -4.65
CA VAL B 200 -7.53 -26.40 -3.60
C VAL B 200 -7.37 -27.15 -2.28
N LYS B 201 -6.29 -26.88 -1.58
CA LYS B 201 -6.01 -27.46 -0.27
C LYS B 201 -6.07 -26.34 0.77
N HIS B 202 -6.94 -26.52 1.75
CA HIS B 202 -7.23 -25.49 2.75
C HIS B 202 -7.61 -26.19 4.04
N GLN B 203 -6.85 -25.93 5.10
CA GLN B 203 -7.13 -26.44 6.44
C GLN B 203 -7.41 -27.94 6.41
N GLY B 204 -6.40 -28.70 6.02
CA GLY B 204 -6.47 -30.15 6.02
C GLY B 204 -7.60 -30.71 5.19
N LYS B 205 -8.21 -29.88 4.35
CA LYS B 205 -9.25 -30.32 3.43
C LYS B 205 -8.80 -30.07 2.00
N THR B 206 -9.34 -30.85 1.06
CA THR B 206 -8.99 -30.71 -0.34
C THR B 206 -10.25 -30.83 -1.19
N VAL B 207 -10.39 -29.94 -2.15
CA VAL B 207 -11.50 -29.95 -3.10
C VAL B 207 -10.92 -29.87 -4.50
N GLU B 208 -11.18 -30.89 -5.32
CA GLU B 208 -10.68 -30.94 -6.68
C GLU B 208 -11.86 -30.87 -7.64
N LYS B 209 -11.89 -29.84 -8.47
CA LYS B 209 -12.89 -29.71 -9.52
C LYS B 209 -12.21 -29.90 -10.88
N LYS B 210 -12.93 -30.51 -11.81
CA LYS B 210 -12.35 -30.95 -13.07
C LYS B 210 -13.06 -30.32 -14.26
N VAL B 211 -12.28 -29.96 -15.27
CA VAL B 211 -12.79 -29.54 -16.57
C VAL B 211 -11.92 -30.20 -17.62
N SER B 212 -12.54 -30.92 -18.54
CA SER B 212 -11.84 -31.65 -19.58
C SER B 212 -12.19 -31.09 -20.95
N PRO B 213 -11.38 -31.37 -21.98
CA PRO B 213 -11.69 -30.86 -23.32
C PRO B 213 -13.11 -31.18 -23.74
N SER B 214 -13.79 -30.17 -24.27
CA SER B 214 -15.20 -30.31 -24.63
C SER B 214 -15.38 -31.10 -25.91
N GLU B 215 -16.60 -31.11 -26.45
CA GLU B 215 -16.91 -31.89 -27.64
C GLU B 215 -15.83 -31.77 -28.71
N ARG C 1 33.76 14.60 28.35
CA ARG C 1 33.01 15.88 28.48
C ARG C 1 31.90 15.74 29.51
N ILE C 2 31.68 16.80 30.28
CA ILE C 2 30.57 16.88 31.23
C ILE C 2 29.56 17.87 30.67
N CYS C 3 28.31 17.43 30.54
CA CYS C 3 27.26 18.22 29.91
C CYS C 3 26.03 18.30 30.81
N TYR C 4 25.29 19.39 30.66
CA TYR C 4 23.99 19.49 31.32
C TYR C 4 22.97 18.60 30.61
N ASN C 5 22.04 18.04 31.39
CA ASN C 5 21.03 17.16 30.82
C ASN C 5 19.64 17.42 31.38
N HIS C 6 19.40 18.59 31.99
CA HIS C 6 18.10 18.92 32.52
C HIS C 6 17.20 19.48 31.44
N GLN C 7 15.90 19.26 31.60
CA GLN C 7 14.90 19.65 30.62
C GLN C 7 14.29 21.00 30.98
N SER C 8 14.08 21.84 29.97
CA SER C 8 13.40 23.13 30.13
C SER C 8 13.85 23.85 31.39
N THR C 9 12.91 24.15 32.29
CA THR C 9 13.20 24.94 33.49
C THR C 9 13.39 24.07 34.73
N THR C 10 13.62 22.77 34.57
CA THR C 10 13.81 21.89 35.70
C THR C 10 15.15 22.17 36.38
N ARG C 11 15.32 21.59 37.57
CA ARG C 11 16.58 21.75 38.29
C ARG C 11 17.74 21.26 37.44
N ALA C 12 18.86 21.96 37.52
CA ALA C 12 20.00 21.65 36.67
C ALA C 12 20.58 20.28 37.02
N THR C 13 20.98 19.55 35.99
CA THR C 13 21.56 18.23 36.14
C THR C 13 22.71 18.08 35.16
N THR C 14 23.67 17.22 35.51
CA THR C 14 24.86 17.01 34.70
C THR C 14 25.10 15.53 34.48
N LYS C 15 25.93 15.23 33.50
CA LYS C 15 26.24 13.85 33.13
C LYS C 15 27.56 13.83 32.37
N SER C 16 28.33 12.77 32.57
CA SER C 16 29.55 12.58 31.79
C SER C 16 29.20 12.07 30.40
N CYS C 17 30.07 12.35 29.44
CA CYS C 17 29.79 12.00 28.06
C CYS C 17 31.11 11.78 27.31
N GLU C 18 31.18 10.68 26.57
CA GLU C 18 32.33 10.41 25.74
C GLU C 18 32.48 11.41 24.60
N GLU C 19 31.38 12.05 24.19
CA GLU C 19 31.41 12.99 23.09
C GLU C 19 32.20 14.23 23.48
N ASN C 20 32.47 15.06 22.47
CA ASN C 20 33.22 16.30 22.67
C ASN C 20 32.31 17.49 22.91
N SER C 21 31.08 17.46 22.43
CA SER C 21 30.19 18.61 22.45
C SER C 21 29.02 18.38 23.41
N CYS C 22 28.50 19.48 23.93
CA CYS C 22 27.20 19.53 24.59
C CYS C 22 26.23 20.31 23.70
N TYR C 23 24.94 20.07 23.90
CA TYR C 23 23.92 20.66 23.06
C TYR C 23 22.72 21.10 23.88
N LYS C 24 22.11 22.21 23.45
CA LYS C 24 20.83 22.69 23.92
C LYS C 24 19.90 22.76 22.71
N LYS C 25 18.89 21.91 22.69
CA LYS C 25 17.89 21.84 21.62
C LYS C 25 16.61 22.46 22.14
N TYR C 26 15.87 23.14 21.27
CA TYR C 26 14.67 23.82 21.72
C TYR C 26 13.63 23.85 20.62
N TRP C 27 12.36 23.75 21.03
CA TRP C 27 11.24 23.80 20.08
C TRP C 27 10.00 24.26 20.83
N ARG C 28 8.90 24.43 20.10
CA ARG C 28 7.66 24.95 20.64
C ARG C 28 6.68 23.82 20.92
N ASP C 29 5.93 23.96 22.03
CA ASP C 29 4.76 23.11 22.24
C ASP C 29 3.57 23.99 22.61
N HIS C 30 2.49 23.40 23.11
CA HIS C 30 1.24 24.15 23.22
C HIS C 30 1.24 25.20 24.31
N ARG C 31 2.25 25.22 25.19
CA ARG C 31 2.32 26.21 26.25
C ARG C 31 3.56 27.09 26.18
N GLY C 32 4.54 26.77 25.36
CA GLY C 32 5.75 27.56 25.29
C GLY C 32 6.89 26.82 24.62
N THR C 33 8.08 26.92 25.20
CA THR C 33 9.28 26.32 24.62
C THR C 33 9.75 25.16 25.49
N ILE C 34 9.96 24.02 24.86
CA ILE C 34 10.64 22.88 25.46
C ILE C 34 12.11 22.96 25.10
N ILE C 35 12.96 22.63 26.07
CA ILE C 35 14.41 22.60 25.91
C ILE C 35 14.92 21.24 26.35
N GLU C 36 15.80 20.65 25.55
CA GLU C 36 16.43 19.36 25.82
C GLU C 36 17.93 19.57 25.82
N ARG C 37 18.58 19.22 26.93
CA ARG C 37 20.02 19.40 27.07
C ARG C 37 20.69 18.03 27.07
N GLY C 38 21.84 17.95 26.40
CA GLY C 38 22.55 16.69 26.36
C GLY C 38 23.95 16.85 25.82
N CYS C 39 24.53 15.74 25.39
CA CYS C 39 25.85 15.73 24.79
C CYS C 39 25.78 15.28 23.33
N GLY C 40 26.90 15.44 22.64
CA GLY C 40 26.92 15.35 21.20
C GLY C 40 26.36 16.63 20.60
N CYS C 41 26.40 16.70 19.27
CA CYS C 41 25.78 17.79 18.51
C CYS C 41 24.83 17.15 17.51
N PRO C 42 23.60 16.82 17.94
CA PRO C 42 22.67 16.16 17.04
C PRO C 42 22.19 17.10 15.93
N LYS C 43 21.90 16.50 14.78
CA LYS C 43 21.05 17.16 13.80
C LYS C 43 19.62 17.19 14.33
N VAL C 44 18.85 18.18 13.88
CA VAL C 44 17.49 18.39 14.37
C VAL C 44 16.53 18.40 13.19
N LYS C 45 15.25 18.34 13.53
CA LYS C 45 14.19 18.39 12.55
C LYS C 45 13.86 19.84 12.20
N PRO C 46 13.29 20.09 11.02
CA PRO C 46 12.79 21.44 10.72
C PRO C 46 11.80 21.89 11.78
N GLY C 47 11.94 23.14 12.20
CA GLY C 47 11.15 23.67 13.30
C GLY C 47 11.82 23.54 14.65
N VAL C 48 12.97 22.89 14.73
CA VAL C 48 13.71 22.71 15.97
C VAL C 48 15.02 23.48 15.86
N GLY C 49 15.35 24.25 16.89
CA GLY C 49 16.61 24.94 16.96
C GLY C 49 17.59 24.21 17.87
N ILE C 50 18.88 24.46 17.67
CA ILE C 50 19.91 23.77 18.44
C ILE C 50 21.16 24.63 18.49
N HIS C 51 21.82 24.59 19.66
CA HIS C 51 23.09 25.26 19.87
C HIS C 51 24.04 24.26 20.51
N CYS C 52 25.21 24.05 19.88
CA CYS C 52 26.22 23.15 20.38
C CYS C 52 27.46 23.92 20.81
N CYS C 53 28.17 23.36 21.79
CA CYS C 53 29.43 23.91 22.25
C CYS C 53 30.36 22.76 22.62
N GLN C 54 31.61 23.08 22.93
CA GLN C 54 32.64 22.07 23.12
C GLN C 54 33.45 22.32 24.39
N SER C 55 32.79 22.72 25.46
CA SER C 55 33.44 22.84 26.77
C SER C 55 32.52 22.27 27.84
N ASP C 56 33.08 22.08 29.03
CA ASP C 56 32.35 21.46 30.12
C ASP C 56 31.25 22.39 30.63
N LYS C 57 30.04 21.85 30.74
CA LYS C 57 28.91 22.59 31.33
C LYS C 57 28.64 23.88 30.57
N CYS C 58 28.63 23.79 29.24
CA CYS C 58 28.44 24.94 28.37
C CYS C 58 27.04 25.01 27.79
N ASN C 59 26.14 24.11 28.19
CA ASN C 59 24.81 24.03 27.59
C ASN C 59 23.73 24.27 28.65
N TYR C 60 23.80 25.39 29.35
CA TYR C 60 22.85 25.71 30.42
C TYR C 60 21.79 26.70 29.96
N GLY C 61 22.19 27.79 29.32
CA GLY C 61 21.25 28.81 28.89
C GLY C 61 21.56 29.36 27.51
#